data_7Q8Y
#
_entry.id   7Q8Y
#
_cell.length_a   55.861
_cell.length_b   114.745
_cell.length_c   120.550
_cell.angle_alpha   90.000
_cell.angle_beta   90.000
_cell.angle_gamma   90.000
#
_symmetry.space_group_name_H-M   'P 21 21 21'
#
loop_
_entity.id
_entity.type
_entity.pdbx_description
1 polymer 'Tau-tubulin kinase 2'
2 non-polymer 'PHOSPHATE ION'
3 non-polymer ~{N}-[4-(2-chloranylphenoxy)phenyl]-7~{H}-pyrrolo[2,3-d]pyrimidin-4-amine
4 water water
#
_entity_poly.entity_id   1
_entity_poly.type   'polypeptide(L)'
_entity_poly.pdbx_seq_one_letter_code
;SMSGGGEQPDILSVGILVKERWKVLRKIGGGGFGEIYDALDMLTRENVALKVESAQQPKQVLKMEVAVLKKLQGKDHVCR
FIGCGRNDRFNYVVMQLQGRNLADLRRSQSRGTFTISTTLRLGRQILESIESIHSVGFLHRDIKPSNFAMGRFPSTCRKC
YMLDFGLARQFTNSCGDVRPPRAVAGFRGTVRYASINAHRNREMGRHDDLWSLFYMLVEFVVGQLPWRKIKDKEQVGSIK
ERYDHRLMLKHLPPEFSIFLDHISSLDYFTKPDYQLLTSVFDNSIKTFGVIESDPFDWEK
;
_entity_poly.pdbx_strand_id   A,B
#
loop_
_chem_comp.id
_chem_comp.type
_chem_comp.name
_chem_comp.formula
9IV non-polymer ~{N}-[4-(2-chloranylphenoxy)phenyl]-7~{H}-pyrrolo[2,3-d]pyrimidin-4-amine 'C18 H13 Cl N4 O'
PO4 non-polymer 'PHOSPHATE ION' 'O4 P -3'
#
# COMPACT_ATOMS: atom_id res chain seq x y z
N GLU A 7 3.00 -23.99 28.48
CA GLU A 7 4.10 -23.08 28.06
C GLU A 7 5.10 -22.94 29.21
N GLN A 8 6.19 -22.20 29.01
CA GLN A 8 7.27 -22.01 30.01
C GLN A 8 6.90 -20.91 31.00
N PRO A 9 7.32 -21.05 32.28
CA PRO A 9 7.11 -19.99 33.27
C PRO A 9 7.96 -18.75 32.94
N ASP A 10 7.62 -17.64 33.56
CA ASP A 10 8.45 -16.40 33.55
C ASP A 10 9.87 -16.73 34.02
N ILE A 11 10.85 -16.02 33.50
CA ILE A 11 12.26 -16.26 33.88
C ILE A 11 12.44 -16.07 35.39
N LEU A 12 11.80 -15.07 35.97
CA LEU A 12 11.86 -14.73 37.41
C LEU A 12 10.48 -14.93 38.01
N SER A 13 10.40 -15.44 39.22
CA SER A 13 9.15 -15.43 40.02
C SER A 13 8.94 -14.05 40.62
N VAL A 14 7.78 -13.51 40.41
CA VAL A 14 7.39 -12.27 41.10
C VAL A 14 7.50 -12.57 42.60
N GLY A 15 8.08 -11.61 43.32
CA GLY A 15 8.28 -11.68 44.76
C GLY A 15 9.71 -11.91 45.15
N ILE A 16 10.52 -12.46 44.27
CA ILE A 16 11.91 -12.75 44.67
C ILE A 16 12.68 -11.43 44.76
N LEU A 17 13.80 -11.53 45.47
CA LEU A 17 14.75 -10.43 45.65
C LEU A 17 16.00 -10.76 44.85
N VAL A 18 16.41 -9.88 43.97
CA VAL A 18 17.65 -10.04 43.15
C VAL A 18 18.75 -9.30 43.89
N LYS A 19 19.82 -10.00 44.28
CA LYS A 19 21.03 -9.46 44.93
C LYS A 19 20.72 -8.77 46.27
N GLU A 20 19.71 -9.27 46.99
CA GLU A 20 19.25 -8.70 48.28
C GLU A 20 18.86 -7.23 48.11
N ARG A 21 18.44 -6.81 46.91
CA ARG A 21 18.15 -5.38 46.65
C ARG A 21 16.88 -5.13 45.83
N TRP A 22 16.72 -5.80 44.69
CA TRP A 22 15.63 -5.53 43.73
C TRP A 22 14.52 -6.54 43.88
N LYS A 23 13.38 -6.09 44.42
CA LYS A 23 12.23 -6.95 44.63
C LYS A 23 11.38 -6.93 43.36
N VAL A 24 11.20 -8.10 42.76
CA VAL A 24 10.47 -8.24 41.49
C VAL A 24 8.98 -8.09 41.81
N LEU A 25 8.31 -7.16 41.14
CA LEU A 25 6.88 -6.85 41.39
C LEU A 25 5.95 -7.39 40.29
N ARG A 26 6.30 -7.15 39.05
CA ARG A 26 5.44 -7.56 37.94
C ARG A 26 6.20 -7.55 36.65
N LYS A 27 5.84 -8.50 35.81
CA LYS A 27 6.32 -8.55 34.43
C LYS A 27 5.61 -7.45 33.66
N ILE A 28 6.37 -6.62 32.96
CA ILE A 28 5.76 -5.53 32.16
C ILE A 28 6.01 -5.73 30.67
N GLY A 29 6.87 -6.66 30.30
CA GLY A 29 7.09 -6.93 28.86
C GLY A 29 7.81 -8.22 28.61
N GLY A 30 7.67 -8.74 27.39
CA GLY A 30 8.40 -9.90 26.88
C GLY A 30 8.98 -9.53 25.54
N GLY A 31 10.11 -8.83 25.58
CA GLY A 31 10.83 -8.32 24.40
C GLY A 31 11.36 -9.45 23.53
N GLY A 32 12.21 -9.10 22.55
CA GLY A 32 12.84 -10.03 21.61
C GLY A 32 13.55 -11.17 22.33
N PHE A 33 14.43 -10.88 23.28
CA PHE A 33 15.39 -11.90 23.77
C PHE A 33 15.39 -11.94 25.29
N GLY A 34 14.30 -11.51 25.90
CA GLY A 34 14.20 -11.60 27.37
C GLY A 34 12.89 -11.06 27.88
N GLU A 35 12.84 -10.76 29.16
CA GLU A 35 11.65 -10.23 29.84
C GLU A 35 12.03 -9.00 30.64
N ILE A 36 11.08 -8.12 30.86
CA ILE A 36 11.30 -6.89 31.63
C ILE A 36 10.27 -6.82 32.75
N TYR A 37 10.71 -6.36 33.89
CA TYR A 37 9.92 -6.34 35.14
C TYR A 37 10.03 -4.95 35.77
N ASP A 38 8.97 -4.58 36.47
CA ASP A 38 8.97 -3.50 37.45
C ASP A 38 9.45 -4.08 38.77
N ALA A 39 10.51 -3.52 39.31
CA ALA A 39 11.08 -3.97 40.59
C ALA A 39 11.11 -2.81 41.56
N LEU A 40 11.09 -3.11 42.86
CA LEU A 40 11.41 -2.08 43.91
C LEU A 40 12.91 -2.18 44.26
N ASP A 41 13.63 -1.09 44.08
CA ASP A 41 15.04 -0.96 44.51
C ASP A 41 15.08 -0.61 46.00
N MET A 42 15.42 -1.53 46.84
CA MET A 42 15.30 -1.30 48.31
C MET A 42 16.45 -0.43 48.81
N LEU A 43 17.47 -0.16 48.02
CA LEU A 43 18.54 0.80 48.44
C LEU A 43 18.05 2.24 48.25
N THR A 44 17.48 2.56 47.11
CA THR A 44 17.05 3.93 46.76
C THR A 44 15.56 4.12 47.08
N ARG A 45 14.85 3.05 47.32
CA ARG A 45 13.39 3.06 47.65
C ARG A 45 12.62 3.70 46.50
N GLU A 46 12.82 3.16 45.31
CA GLU A 46 12.17 3.64 44.07
C GLU A 46 11.82 2.42 43.20
N ASN A 47 10.85 2.59 42.30
CA ASN A 47 10.57 1.57 41.27
C ASN A 47 11.60 1.72 40.16
N VAL A 48 12.04 0.59 39.62
CA VAL A 48 13.05 0.52 38.54
C VAL A 48 12.61 -0.52 37.54
N ALA A 49 13.23 -0.54 36.39
CA ALA A 49 13.06 -1.59 35.36
C ALA A 49 14.20 -2.60 35.52
N LEU A 50 13.83 -3.85 35.42
CA LEU A 50 14.75 -5.00 35.55
C LEU A 50 14.58 -5.86 34.30
N LYS A 51 15.60 -5.92 33.45
CA LYS A 51 15.63 -6.79 32.28
C LYS A 51 16.35 -8.08 32.66
N VAL A 52 15.88 -9.19 32.15
CA VAL A 52 16.50 -10.52 32.42
CA VAL A 52 16.46 -10.52 32.44
C VAL A 52 16.47 -11.37 31.16
N GLU A 53 17.40 -12.27 31.11
CA GLU A 53 17.51 -13.32 30.08
C GLU A 53 17.93 -14.61 30.77
N SER A 54 17.49 -15.75 30.26
CA SER A 54 18.00 -17.04 30.76
C SER A 54 19.50 -17.16 30.48
N ALA A 55 20.27 -17.69 31.41
CA ALA A 55 21.70 -17.96 31.24
C ALA A 55 21.91 -19.06 30.18
N GLN A 56 20.85 -19.80 29.82
CA GLN A 56 20.92 -20.98 28.91
C GLN A 56 20.39 -20.67 27.49
N GLN A 57 19.77 -19.52 27.26
CA GLN A 57 19.07 -19.28 25.96
C GLN A 57 20.12 -19.05 24.87
N PRO A 58 19.84 -19.46 23.62
CA PRO A 58 20.85 -19.51 22.57
C PRO A 58 21.44 -18.13 22.23
N LYS A 59 20.61 -17.10 22.18
CA LYS A 59 21.09 -15.72 21.87
C LYS A 59 20.84 -14.83 23.08
N GLN A 60 21.94 -14.36 23.67
CA GLN A 60 21.90 -13.47 24.84
C GLN A 60 22.41 -12.09 24.43
N VAL A 61 21.69 -11.05 24.78
CA VAL A 61 22.04 -9.69 24.32
C VAL A 61 22.23 -8.75 25.51
N LEU A 62 22.10 -9.20 26.77
CA LEU A 62 22.17 -8.22 27.88
C LEU A 62 23.62 -7.73 28.04
N LYS A 63 24.62 -8.48 27.58
CA LYS A 63 26.02 -7.99 27.62
C LYS A 63 26.12 -6.73 26.75
N MET A 64 25.43 -6.71 25.61
CA MET A 64 25.39 -5.52 24.71
C MET A 64 24.59 -4.40 25.37
N GLU A 65 23.44 -4.76 25.95
CA GLU A 65 22.60 -3.79 26.68
C GLU A 65 23.46 -3.03 27.69
N VAL A 66 24.21 -3.75 28.50
CA VAL A 66 25.02 -3.10 29.58
C VAL A 66 26.11 -2.24 28.98
N ALA A 67 26.80 -2.74 27.94
CA ALA A 67 27.93 -2.00 27.35
C ALA A 67 27.40 -0.65 26.85
N VAL A 68 26.34 -0.68 26.08
CA VAL A 68 25.82 0.58 25.45
C VAL A 68 25.22 1.48 26.53
N LEU A 69 24.38 0.96 27.42
CA LEU A 69 23.81 1.79 28.49
C LEU A 69 24.93 2.52 29.24
N LYS A 70 26.01 1.81 29.57
CA LYS A 70 27.13 2.44 30.31
C LYS A 70 27.75 3.53 29.43
N LYS A 71 28.01 3.24 28.14
CA LYS A 71 28.67 4.22 27.26
C LYS A 71 27.82 5.49 27.14
N LEU A 72 26.51 5.38 27.29
CA LEU A 72 25.60 6.53 27.06
C LEU A 72 25.29 7.26 28.35
N GLN A 73 25.83 6.86 29.49
CA GLN A 73 25.49 7.60 30.72
C GLN A 73 25.95 9.07 30.57
N GLY A 74 25.09 9.99 31.01
CA GLY A 74 25.34 11.43 30.84
C GLY A 74 24.66 12.01 29.63
N LYS A 75 24.24 11.18 28.67
CA LYS A 75 23.60 11.63 27.43
C LYS A 75 22.11 11.78 27.69
N ASP A 76 21.46 12.50 26.81
CA ASP A 76 20.00 12.62 26.83
C ASP A 76 19.37 11.35 26.24
N HIS A 77 18.10 11.17 26.49
CA HIS A 77 17.24 10.15 25.86
C HIS A 77 17.65 8.73 26.27
N VAL A 78 18.34 8.57 27.38
CA VAL A 78 18.73 7.21 27.81
CA VAL A 78 18.83 7.24 27.83
C VAL A 78 18.41 7.03 29.30
N CYS A 79 18.07 5.82 29.65
CA CYS A 79 17.77 5.46 31.05
C CYS A 79 19.02 5.51 31.88
N ARG A 80 18.90 5.94 33.13
CA ARG A 80 20.00 5.84 34.11
CA ARG A 80 19.99 5.82 34.10
C ARG A 80 20.31 4.35 34.38
N PHE A 81 21.58 4.01 34.33
CA PHE A 81 22.07 2.67 34.71
C PHE A 81 22.06 2.51 36.21
N ILE A 82 21.56 1.37 36.67
CA ILE A 82 21.38 1.11 38.14
C ILE A 82 22.15 -0.14 38.57
N GLY A 83 22.23 -1.18 37.76
CA GLY A 83 23.03 -2.36 38.12
C GLY A 83 22.96 -3.46 37.09
N CYS A 84 23.70 -4.52 37.32
CA CYS A 84 23.78 -5.68 36.40
C CYS A 84 24.47 -6.86 37.05
N GLY A 85 24.18 -8.04 36.57
CA GLY A 85 24.78 -9.25 37.11
C GLY A 85 24.47 -10.47 36.28
N ARG A 86 25.18 -11.55 36.60
CA ARG A 86 25.15 -12.83 35.86
C ARG A 86 25.18 -13.95 36.89
N ASN A 87 24.30 -14.94 36.77
CA ASN A 87 24.33 -16.12 37.64
C ASN A 87 24.01 -17.35 36.79
N ASP A 88 24.01 -18.52 37.40
CA ASP A 88 23.78 -19.81 36.71
C ASP A 88 22.38 -19.84 36.08
N ARG A 89 21.45 -19.02 36.57
CA ARG A 89 20.04 -19.15 36.12
C ARG A 89 19.76 -18.04 35.10
N PHE A 90 20.19 -16.84 35.42
CA PHE A 90 19.83 -15.68 34.59
C PHE A 90 20.92 -14.62 34.65
N ASN A 91 20.87 -13.74 33.66
CA ASN A 91 21.60 -12.47 33.61
C ASN A 91 20.60 -11.34 33.71
N TYR A 92 20.99 -10.22 34.29
CA TYR A 92 20.04 -9.11 34.51
C TYR A 92 20.73 -7.77 34.35
N VAL A 93 19.92 -6.77 34.01
CA VAL A 93 20.35 -5.35 33.98
C VAL A 93 19.23 -4.55 34.61
N VAL A 94 19.59 -3.57 35.44
CA VAL A 94 18.62 -2.71 36.11
C VAL A 94 18.81 -1.28 35.61
N MET A 95 17.73 -0.58 35.32
CA MET A 95 17.78 0.79 34.79
C MET A 95 16.51 1.54 35.08
N GLN A 96 16.56 2.84 34.86
CA GLN A 96 15.42 3.73 35.12
C GLN A 96 14.14 3.23 34.46
N LEU A 97 13.05 3.25 35.20
CA LEU A 97 11.72 2.88 34.70
C LEU A 97 11.12 4.11 34.01
N GLN A 98 10.59 3.91 32.81
CA GLN A 98 9.93 4.96 32.05
C GLN A 98 8.43 4.70 31.98
N GLY A 99 7.77 5.54 31.19
CA GLY A 99 6.32 5.56 31.11
C GLY A 99 5.75 4.91 29.86
N ARG A 100 4.84 5.62 29.21
CA ARG A 100 4.03 5.08 28.11
C ARG A 100 4.92 4.92 26.86
N ASN A 101 4.80 3.77 26.27
CA ASN A 101 5.55 3.35 25.10
C ASN A 101 4.98 3.96 23.83
N LEU A 102 5.82 4.43 22.89
CA LEU A 102 5.31 5.12 21.68
C LEU A 102 4.44 4.20 20.84
N ALA A 103 4.74 2.90 20.81
CA ALA A 103 3.94 1.93 20.03
C ALA A 103 2.50 1.94 20.57
N ASP A 104 2.34 1.94 21.89
CA ASP A 104 1.01 1.96 22.53
C ASP A 104 0.34 3.31 22.28
N LEU A 105 1.08 4.41 22.42
CA LEU A 105 0.49 5.76 22.27
C LEU A 105 -0.05 5.91 20.86
N ARG A 106 0.70 5.42 19.86
CA ARG A 106 0.27 5.55 18.47
C ARG A 106 -1.00 4.74 18.22
N ARG A 107 -1.05 3.54 18.77
CA ARG A 107 -2.19 2.61 18.55
C ARG A 107 -3.46 3.18 19.21
N SER A 108 -3.32 4.01 20.26
CA SER A 108 -4.46 4.64 20.96
C SER A 108 -5.06 5.79 20.16
N GLN A 109 -4.36 6.31 19.17
CA GLN A 109 -4.87 7.38 18.30
C GLN A 109 -5.99 6.85 17.40
N SER A 110 -6.95 7.73 17.08
CA SER A 110 -8.14 7.45 16.25
C SER A 110 -7.81 6.57 15.04
N ARG A 111 -6.85 6.96 14.22
CA ARG A 111 -6.57 6.25 12.94
C ARG A 111 -5.12 5.72 13.02
N GLY A 112 -4.63 5.55 14.24
CA GLY A 112 -3.20 5.25 14.46
C GLY A 112 -2.27 6.34 13.90
N THR A 113 -2.76 7.59 13.87
CA THR A 113 -1.93 8.73 13.40
C THR A 113 -1.66 9.69 14.54
N PHE A 114 -0.47 10.27 14.51
CA PHE A 114 -0.15 11.50 15.29
C PHE A 114 -0.23 12.71 14.37
N THR A 115 -0.53 13.86 14.98
CA THR A 115 -0.47 15.14 14.29
C THR A 115 0.97 15.43 13.88
N ILE A 116 1.12 16.39 12.98
CA ILE A 116 2.48 16.79 12.54
CA ILE A 116 2.46 16.88 12.53
C ILE A 116 3.22 17.42 13.74
N SER A 117 2.53 18.12 14.63
CA SER A 117 3.16 18.69 15.84
C SER A 117 3.81 17.59 16.67
N THR A 118 3.06 16.55 17.05
CA THR A 118 3.59 15.46 17.87
C THR A 118 4.68 14.72 17.05
N THR A 119 4.44 14.48 15.77
CA THR A 119 5.39 13.69 14.91
C THR A 119 6.74 14.42 14.85
N LEU A 120 6.73 15.72 14.59
CA LEU A 120 8.00 16.47 14.43
C LEU A 120 8.77 16.46 15.74
N ARG A 121 8.12 16.71 16.86
CA ARG A 121 8.82 16.79 18.16
C ARG A 121 9.38 15.41 18.54
N LEU A 122 8.59 14.35 18.42
CA LEU A 122 9.12 13.00 18.70
C LEU A 122 10.26 12.69 17.74
N GLY A 123 10.08 12.93 16.45
CA GLY A 123 11.09 12.66 15.43
C GLY A 123 12.40 13.33 15.78
N ARG A 124 12.34 14.60 16.19
CA ARG A 124 13.59 15.31 16.50
C ARG A 124 14.25 14.69 17.74
N GLN A 125 13.48 14.31 18.73
CA GLN A 125 14.04 13.64 19.92
C GLN A 125 14.69 12.31 19.51
N ILE A 126 14.00 11.54 18.69
CA ILE A 126 14.53 10.24 18.23
C ILE A 126 15.81 10.45 17.42
N LEU A 127 15.83 11.44 16.52
CA LEU A 127 17.08 11.71 15.76
C LEU A 127 18.19 12.04 16.75
N GLU A 128 17.92 12.87 17.76
CA GLU A 128 18.96 13.16 18.78
C GLU A 128 19.48 11.85 19.37
N SER A 129 18.61 10.92 19.73
CA SER A 129 19.00 9.65 20.36
C SER A 129 19.85 8.82 19.40
N ILE A 130 19.52 8.81 18.12
CA ILE A 130 20.32 8.08 17.11
C ILE A 130 21.70 8.71 16.96
N GLU A 131 21.79 10.03 16.79
CA GLU A 131 23.12 10.69 16.67
C GLU A 131 23.93 10.32 17.93
N SER A 132 23.30 10.31 19.10
CA SER A 132 24.00 10.04 20.38
CA SER A 132 24.02 10.04 20.38
C SER A 132 24.60 8.62 20.39
N ILE A 133 23.80 7.63 20.04
CA ILE A 133 24.35 6.24 20.07
C ILE A 133 25.43 6.12 19.01
N HIS A 134 25.25 6.72 17.84
CA HIS A 134 26.32 6.68 16.80
C HIS A 134 27.59 7.32 17.34
N SER A 135 27.44 8.40 18.12
CA SER A 135 28.59 9.21 18.58
C SER A 135 29.48 8.42 19.54
N VAL A 136 28.96 7.37 20.17
CA VAL A 136 29.78 6.52 21.06
C VAL A 136 30.16 5.22 20.36
N GLY A 137 29.91 5.12 19.04
CA GLY A 137 30.46 4.04 18.21
C GLY A 137 29.52 2.85 18.07
N PHE A 138 28.23 3.00 18.35
CA PHE A 138 27.31 1.85 18.21
C PHE A 138 26.21 2.21 17.23
N LEU A 139 25.78 1.20 16.51
CA LEU A 139 24.55 1.25 15.69
C LEU A 139 23.46 0.61 16.51
N HIS A 140 22.24 1.09 16.38
CA HIS A 140 21.10 0.55 17.14
C HIS A 140 20.58 -0.70 16.44
N ARG A 141 20.26 -0.56 15.16
CA ARG A 141 19.88 -1.68 14.26
C ARG A 141 18.44 -2.16 14.48
N ASP A 142 17.72 -1.58 15.44
CA ASP A 142 16.35 -2.06 15.77
C ASP A 142 15.45 -0.87 16.07
N ILE A 143 15.57 0.22 15.32
CA ILE A 143 14.76 1.44 15.57
C ILE A 143 13.30 1.12 15.21
N LYS A 144 12.39 1.23 16.17
CA LYS A 144 10.96 0.92 15.99
C LYS A 144 10.26 1.59 17.16
N PRO A 145 8.95 1.82 17.07
CA PRO A 145 8.28 2.61 18.10
C PRO A 145 8.33 1.99 19.50
N SER A 146 8.30 0.65 19.59
CA SER A 146 8.26 -0.01 20.93
C SER A 146 9.61 0.05 21.65
N ASN A 147 10.65 0.61 21.02
CA ASN A 147 11.94 0.82 21.69
C ASN A 147 12.05 2.26 22.22
N PHE A 148 10.95 2.99 22.29
CA PHE A 148 10.90 4.39 22.79
C PHE A 148 9.69 4.59 23.72
N ALA A 149 9.90 5.29 24.79
CA ALA A 149 8.81 5.65 25.74
C ALA A 149 9.04 7.05 26.25
N MET A 150 7.94 7.68 26.65
CA MET A 150 7.99 8.96 27.37
C MET A 150 8.32 8.66 28.83
N GLY A 151 8.87 9.65 29.52
CA GLY A 151 9.10 9.50 30.96
C GLY A 151 7.80 9.39 31.76
N ARG A 152 7.91 9.03 33.04
CA ARG A 152 6.69 8.77 33.85
C ARG A 152 6.49 9.80 34.95
N PHE A 153 7.29 10.85 35.03
CA PHE A 153 7.17 11.94 36.01
C PHE A 153 6.87 13.25 35.30
N PRO A 154 6.41 14.28 36.05
CA PRO A 154 6.14 15.58 35.42
C PRO A 154 7.40 16.10 34.70
N SER A 155 8.57 15.91 35.33
CA SER A 155 9.85 16.44 34.80
C SER A 155 10.39 15.60 33.64
N THR A 156 9.87 14.40 33.38
CA THR A 156 10.41 13.50 32.33
C THR A 156 9.36 13.11 31.29
N CYS A 157 8.10 13.40 31.50
CA CYS A 157 7.04 12.84 30.63
C CYS A 157 6.98 13.58 29.29
N ARG A 158 7.75 14.65 29.09
CA ARG A 158 7.85 15.32 27.78
C ARG A 158 9.15 14.90 27.07
N LYS A 159 9.92 14.00 27.67
CA LYS A 159 11.20 13.48 27.17
C LYS A 159 10.95 12.06 26.63
N CYS A 160 11.40 11.79 25.43
CA CYS A 160 11.37 10.45 24.83
C CYS A 160 12.71 9.74 25.06
N TYR A 161 12.65 8.51 25.52
CA TYR A 161 13.82 7.69 25.87
C TYR A 161 13.93 6.50 24.94
N MET A 162 15.15 6.27 24.45
CA MET A 162 15.58 5.03 23.77
C MET A 162 15.73 3.96 24.84
N LEU A 163 14.95 2.88 24.75
CA LEU A 163 14.72 1.97 25.89
C LEU A 163 15.63 0.74 25.88
N ASP A 164 16.17 0.31 24.73
CA ASP A 164 16.77 -1.01 24.58
C ASP A 164 17.90 -0.93 23.57
N PHE A 165 18.92 -1.74 23.76
CA PHE A 165 20.13 -1.72 22.89
C PHE A 165 20.56 -3.14 22.59
N GLY A 166 19.66 -4.11 22.74
CA GLY A 166 20.01 -5.54 22.63
C GLY A 166 20.64 -5.89 21.30
N LEU A 167 20.15 -5.29 20.22
CA LEU A 167 20.58 -5.71 18.87
C LEU A 167 21.67 -4.78 18.35
N ALA A 168 22.21 -3.93 19.21
CA ALA A 168 23.28 -2.98 18.79
C ALA A 168 24.53 -3.70 18.35
N ARG A 169 25.34 -2.96 17.57
CA ARG A 169 26.70 -3.44 17.18
C ARG A 169 27.66 -2.28 17.24
N GLN A 170 28.88 -2.55 17.72
CA GLN A 170 29.94 -1.52 17.69
C GLN A 170 30.43 -1.41 16.25
N PHE A 171 30.45 -0.21 15.67
CA PHE A 171 30.79 -0.05 14.23
C PHE A 171 32.14 0.65 14.06
N THR A 172 32.77 1.08 15.16
CA THR A 172 34.08 1.79 15.09
C THR A 172 35.16 1.09 15.93
N ASN A 173 36.40 1.49 15.67
CA ASN A 173 37.52 1.40 16.65
C ASN A 173 37.43 2.51 17.72
N SER A 174 38.30 2.42 18.74
CA SER A 174 38.49 3.42 19.83
C SER A 174 38.71 4.82 19.24
N CYS A 175 39.32 4.89 18.05
CA CYS A 175 39.74 6.14 17.36
C CYS A 175 38.55 6.74 16.58
N GLY A 176 37.55 5.92 16.25
CA GLY A 176 36.39 6.31 15.42
C GLY A 176 36.52 5.82 13.97
N ASP A 177 37.57 5.04 13.64
CA ASP A 177 37.74 4.32 12.33
C ASP A 177 36.52 3.38 12.10
N VAL A 178 35.75 3.50 11.01
CA VAL A 178 34.60 2.59 10.68
C VAL A 178 35.15 1.18 10.39
N ARG A 179 34.61 0.15 11.02
CA ARG A 179 35.13 -1.21 10.94
C ARG A 179 34.76 -1.78 9.57
N PRO A 180 35.66 -2.57 8.95
CA PRO A 180 35.35 -3.23 7.69
C PRO A 180 34.06 -4.03 7.83
N PRO A 181 33.12 -3.91 6.88
CA PRO A 181 31.87 -4.64 7.00
C PRO A 181 32.09 -6.13 6.71
N ARG A 182 31.22 -6.94 7.28
CA ARG A 182 31.17 -8.37 6.93
C ARG A 182 30.50 -8.53 5.56
N ALA A 183 30.82 -9.61 4.85
CA ALA A 183 30.22 -9.91 3.54
C ALA A 183 28.73 -10.23 3.71
N VAL A 184 28.39 -10.87 4.82
CA VAL A 184 27.00 -11.29 5.17
C VAL A 184 26.77 -10.92 6.62
N ALA A 185 25.60 -10.36 6.93
CA ALA A 185 25.20 -10.04 8.31
C ALA A 185 23.75 -10.45 8.48
N GLY A 186 23.52 -11.50 9.25
CA GLY A 186 22.18 -12.08 9.47
C GLY A 186 21.36 -11.16 10.32
N PHE A 187 20.39 -10.49 9.72
CA PHE A 187 19.47 -9.51 10.37
C PHE A 187 18.53 -10.20 11.37
N ARG A 188 18.40 -9.65 12.59
CA ARG A 188 17.53 -10.22 13.64
C ARG A 188 16.47 -9.19 14.09
N GLY A 189 16.42 -7.99 13.51
CA GLY A 189 15.46 -6.92 13.89
C GLY A 189 14.05 -7.08 13.30
N THR A 190 13.31 -5.95 13.13
CA THR A 190 11.86 -5.99 12.83
C THR A 190 11.66 -5.71 11.35
N VAL A 191 10.90 -6.58 10.70
CA VAL A 191 10.72 -6.47 9.22
C VAL A 191 10.10 -5.10 8.91
N ARG A 192 9.11 -4.65 9.69
CA ARG A 192 8.30 -3.51 9.24
C ARG A 192 9.18 -2.27 9.00
N TYR A 193 10.14 -1.98 9.89
CA TYR A 193 10.88 -0.71 9.86
C TYR A 193 12.31 -0.94 9.38
N ALA A 194 12.63 -2.17 8.96
CA ALA A 194 14.02 -2.50 8.52
C ALA A 194 14.36 -1.81 7.20
N SER A 195 15.59 -1.34 7.02
CA SER A 195 16.03 -0.83 5.71
C SER A 195 16.26 -1.99 4.72
N ILE A 196 16.38 -1.62 3.46
CA ILE A 196 16.73 -2.59 2.39
C ILE A 196 17.99 -3.35 2.80
N ASN A 197 18.98 -2.69 3.41
CA ASN A 197 20.26 -3.38 3.71
C ASN A 197 20.01 -4.53 4.68
N ALA A 198 19.16 -4.36 5.68
CA ALA A 198 18.77 -5.45 6.61
C ALA A 198 18.12 -6.60 5.83
N HIS A 199 17.19 -6.29 4.92
CA HIS A 199 16.50 -7.29 4.05
C HIS A 199 17.53 -8.08 3.24
N ARG A 200 18.63 -7.44 2.85
CA ARG A 200 19.65 -8.04 1.96
C ARG A 200 20.77 -8.73 2.77
N ASN A 201 20.67 -8.73 4.09
CA ASN A 201 21.67 -9.33 5.01
C ASN A 201 23.04 -8.71 4.72
N ARG A 202 23.04 -7.42 4.48
CA ARG A 202 24.25 -6.61 4.37
C ARG A 202 24.57 -6.05 5.75
N GLU A 203 25.82 -5.70 5.93
CA GLU A 203 26.24 -5.02 7.17
C GLU A 203 25.52 -3.70 7.26
N MET A 204 24.84 -3.48 8.39
CA MET A 204 24.06 -2.24 8.56
C MET A 204 25.02 -1.12 8.94
N GLY A 205 24.64 0.09 8.58
CA GLY A 205 25.40 1.31 8.89
C GLY A 205 24.56 2.35 9.61
N ARG A 206 25.15 3.54 9.83
CA ARG A 206 24.47 4.64 10.53
C ARG A 206 23.18 4.99 9.75
N HIS A 207 23.24 4.98 8.44
CA HIS A 207 22.12 5.40 7.57
C HIS A 207 20.93 4.43 7.73
N ASP A 208 21.16 3.16 8.07
CA ASP A 208 20.06 2.18 8.19
C ASP A 208 19.19 2.54 9.40
N ASP A 209 19.80 3.10 10.46
CA ASP A 209 19.02 3.60 11.62
C ASP A 209 18.20 4.79 11.19
N LEU A 210 18.70 5.63 10.27
CA LEU A 210 17.94 6.81 9.81
C LEU A 210 16.84 6.39 8.83
N TRP A 211 17.02 5.34 8.02
CA TRP A 211 15.91 4.75 7.22
C TRP A 211 14.79 4.32 8.18
N SER A 212 15.12 3.63 9.25
CA SER A 212 14.08 3.11 10.18
C SER A 212 13.35 4.30 10.80
N LEU A 213 14.08 5.38 11.16
CA LEU A 213 13.41 6.61 11.67
C LEU A 213 12.47 7.17 10.59
N PHE A 214 12.90 7.20 9.31
CA PHE A 214 12.05 7.73 8.23
C PHE A 214 10.76 6.90 8.16
N TYR A 215 10.85 5.56 8.21
CA TYR A 215 9.66 4.68 8.18
C TYR A 215 8.77 4.96 9.40
N MET A 216 9.38 5.13 10.58
CA MET A 216 8.58 5.46 11.80
C MET A 216 7.83 6.77 11.59
N LEU A 217 8.48 7.81 11.10
CA LEU A 217 7.84 9.15 10.93
C LEU A 217 6.66 9.03 9.95
N VAL A 218 6.86 8.29 8.85
CA VAL A 218 5.80 8.12 7.84
C VAL A 218 4.65 7.38 8.50
N GLU A 219 4.93 6.32 9.25
CA GLU A 219 3.84 5.58 9.93
C GLU A 219 3.11 6.48 10.93
N PHE A 220 3.82 7.34 11.65
CA PHE A 220 3.19 8.33 12.57
C PHE A 220 2.17 9.21 11.83
N VAL A 221 2.53 9.74 10.66
CA VAL A 221 1.66 10.75 9.98
C VAL A 221 0.57 10.08 9.17
N VAL A 222 0.84 8.93 8.54
CA VAL A 222 -0.08 8.22 7.61
C VAL A 222 -0.88 7.16 8.37
N GLY A 223 -0.31 6.55 9.41
CA GLY A 223 -0.98 5.51 10.20
C GLY A 223 -0.62 4.12 9.75
N GLN A 224 0.06 3.98 8.63
CA GLN A 224 0.46 2.66 8.08
C GLN A 224 1.56 2.86 7.06
N LEU A 225 2.30 1.80 6.85
CA LEU A 225 3.33 1.69 5.80
C LEU A 225 2.78 0.84 4.66
N PRO A 226 3.36 0.99 3.45
CA PRO A 226 2.79 0.32 2.27
C PRO A 226 2.80 -1.21 2.34
N TRP A 227 3.72 -1.75 3.14
CA TRP A 227 3.94 -3.19 3.36
C TRP A 227 3.33 -3.67 4.69
N ARG A 228 2.36 -2.92 5.20
CA ARG A 228 1.60 -3.27 6.45
C ARG A 228 1.05 -4.71 6.38
N LYS A 229 0.42 -5.14 5.28
CA LYS A 229 -0.34 -6.42 5.28
C LYS A 229 0.52 -7.57 4.78
N ILE A 230 1.77 -7.31 4.41
CA ILE A 230 2.69 -8.34 3.85
C ILE A 230 3.47 -8.98 5.00
N LYS A 231 3.31 -10.29 5.19
CA LYS A 231 3.91 -11.09 6.30
C LYS A 231 5.30 -11.62 5.90
N ASP A 232 5.47 -12.01 4.64
CA ASP A 232 6.72 -12.64 4.13
C ASP A 232 7.84 -11.60 4.07
N LYS A 233 8.93 -11.85 4.78
CA LYS A 233 10.06 -10.91 4.88
C LYS A 233 10.61 -10.57 3.48
N GLU A 234 10.73 -11.59 2.59
CA GLU A 234 11.42 -11.44 1.24
C GLU A 234 10.51 -10.66 0.19
N GLN A 235 9.19 -10.80 0.42
CA GLN A 235 8.14 -9.92 -0.23
C GLN A 235 8.26 -8.45 0.28
N VAL A 236 8.35 -8.24 1.58
CA VAL A 236 8.53 -6.86 2.08
C VAL A 236 9.75 -6.25 1.42
N GLY A 237 10.89 -6.96 1.51
CA GLY A 237 12.16 -6.46 0.96
C GLY A 237 12.06 -6.09 -0.51
N SER A 238 11.38 -6.91 -1.29
CA SER A 238 11.15 -6.70 -2.75
C SER A 238 10.35 -5.43 -2.97
N ILE A 239 9.37 -5.16 -2.09
CA ILE A 239 8.62 -3.89 -2.17
C ILE A 239 9.58 -2.72 -1.89
N LYS A 240 10.32 -2.78 -0.80
CA LYS A 240 11.19 -1.65 -0.41
C LYS A 240 12.22 -1.39 -1.52
N GLU A 241 12.81 -2.44 -2.08
CA GLU A 241 13.87 -2.32 -3.13
C GLU A 241 13.36 -1.48 -4.30
N ARG A 242 12.08 -1.62 -4.66
CA ARG A 242 11.51 -0.97 -5.87
C ARG A 242 10.78 0.32 -5.51
N TYR A 243 10.49 0.54 -4.23
CA TYR A 243 9.50 1.56 -3.86
C TYR A 243 10.07 2.95 -4.14
N ASP A 244 9.27 3.85 -4.69
CA ASP A 244 9.64 5.27 -4.84
C ASP A 244 9.36 5.99 -3.52
N HIS A 245 10.37 6.17 -2.68
CA HIS A 245 10.17 6.73 -1.33
C HIS A 245 9.68 8.19 -1.40
N ARG A 246 9.80 8.88 -2.53
CA ARG A 246 9.24 10.25 -2.65
C ARG A 246 7.72 10.22 -2.39
N LEU A 247 7.05 9.09 -2.65
CA LEU A 247 5.60 9.02 -2.42
C LEU A 247 5.33 9.27 -0.94
N MET A 248 6.30 8.95 -0.07
CA MET A 248 6.04 9.08 1.39
C MET A 248 6.19 10.54 1.83
N LEU A 249 6.64 11.43 0.94
CA LEU A 249 6.80 12.87 1.26
C LEU A 249 5.45 13.59 1.30
N LYS A 250 4.40 13.01 0.71
CA LYS A 250 3.09 13.68 0.53
C LYS A 250 2.61 14.29 1.86
N HIS A 251 2.68 13.54 2.94
CA HIS A 251 2.08 14.00 4.22
C HIS A 251 3.14 14.52 5.16
N LEU A 252 4.38 14.70 4.71
CA LEU A 252 5.42 15.30 5.57
C LEU A 252 5.67 16.73 5.13
N PRO A 253 6.18 17.59 6.06
CA PRO A 253 6.55 18.95 5.74
C PRO A 253 7.52 18.97 4.55
N PRO A 254 7.53 20.03 3.73
CA PRO A 254 8.33 20.05 2.50
C PRO A 254 9.81 19.72 2.68
N GLU A 255 10.45 20.13 3.77
CA GLU A 255 11.91 19.95 3.90
C GLU A 255 12.25 18.47 4.05
N PHE A 256 11.28 17.58 4.29
CA PHE A 256 11.62 16.14 4.33
C PHE A 256 12.14 15.66 2.97
N SER A 257 11.92 16.38 1.87
CA SER A 257 12.59 16.01 0.59
C SER A 257 14.10 16.03 0.80
N ILE A 258 14.60 17.01 1.56
CA ILE A 258 16.04 17.14 1.88
C ILE A 258 16.46 15.96 2.72
N PHE A 259 15.70 15.61 3.75
CA PHE A 259 15.98 14.45 4.59
C PHE A 259 16.13 13.19 3.74
N LEU A 260 15.15 12.95 2.88
CA LEU A 260 15.09 11.69 2.10
C LEU A 260 16.22 11.70 1.08
N ASP A 261 16.46 12.81 0.39
CA ASP A 261 17.58 12.88 -0.59
CA ASP A 261 17.57 12.89 -0.59
C ASP A 261 18.89 12.59 0.14
N HIS A 262 19.06 13.13 1.33
CA HIS A 262 20.33 12.94 2.09
C HIS A 262 20.51 11.47 2.46
N ILE A 263 19.52 10.84 3.09
CA ILE A 263 19.73 9.45 3.56
C ILE A 263 19.81 8.54 2.32
N SER A 264 19.17 8.88 1.20
CA SER A 264 19.28 8.07 -0.03
C SER A 264 20.72 8.07 -0.55
N SER A 265 21.46 9.14 -0.28
CA SER A 265 22.85 9.33 -0.81
C SER A 265 23.86 8.55 0.03
N LEU A 266 23.46 8.07 1.21
CA LEU A 266 24.43 7.49 2.16
C LEU A 266 24.70 6.01 1.84
N ASP A 267 25.81 5.51 2.38
CA ASP A 267 26.12 4.07 2.43
C ASP A 267 26.86 3.78 3.74
N TYR A 268 27.32 2.55 3.92
CA TYR A 268 27.96 2.09 5.19
C TYR A 268 29.13 3.00 5.54
N PHE A 269 29.85 3.47 4.52
CA PHE A 269 31.14 4.17 4.72
C PHE A 269 30.96 5.67 4.74
N THR A 270 29.74 6.19 4.78
CA THR A 270 29.53 7.67 4.65
C THR A 270 28.86 8.17 5.92
N LYS A 271 29.53 9.04 6.66
CA LYS A 271 28.95 9.59 7.92
C LYS A 271 27.77 10.46 7.51
N PRO A 272 26.62 10.32 8.20
CA PRO A 272 25.50 11.21 7.94
C PRO A 272 25.84 12.67 8.25
N ASP A 273 25.15 13.56 7.57
CA ASP A 273 25.14 15.00 7.89
C ASP A 273 24.04 15.21 8.91
N TYR A 274 24.34 14.94 10.19
CA TYR A 274 23.32 15.01 11.25
C TYR A 274 22.82 16.47 11.34
N GLN A 275 23.67 17.47 11.15
CA GLN A 275 23.21 18.88 11.32
C GLN A 275 22.17 19.17 10.23
N LEU A 276 22.39 18.70 9.00
CA LEU A 276 21.39 18.88 7.91
C LEU A 276 20.07 18.25 8.33
N LEU A 277 20.10 17.01 8.79
CA LEU A 277 18.86 16.29 9.14
C LEU A 277 18.18 17.01 10.32
N THR A 278 18.96 17.50 11.29
CA THR A 278 18.38 18.24 12.43
C THR A 278 17.69 19.51 11.89
N SER A 279 18.30 20.18 10.91
CA SER A 279 17.74 21.44 10.35
C SER A 279 16.38 21.18 9.71
N VAL A 280 16.19 19.99 9.12
CA VAL A 280 14.88 19.62 8.53
C VAL A 280 13.80 19.67 9.62
N PHE A 281 14.09 19.12 10.79
CA PHE A 281 13.13 19.15 11.91
C PHE A 281 12.99 20.57 12.46
N ASP A 282 14.09 21.27 12.67
CA ASP A 282 14.04 22.62 13.27
C ASP A 282 13.23 23.56 12.37
N ASN A 283 13.52 23.53 11.07
CA ASN A 283 12.86 24.42 10.09
C ASN A 283 11.38 24.08 9.99
N SER A 284 11.06 22.79 9.98
CA SER A 284 9.65 22.30 9.86
C SER A 284 8.87 22.76 11.10
N ILE A 285 9.47 22.59 12.27
CA ILE A 285 8.84 22.98 13.56
C ILE A 285 8.55 24.48 13.56
N LYS A 286 9.48 25.31 13.08
CA LYS A 286 9.23 26.77 13.02
C LYS A 286 8.15 27.09 11.98
N THR A 287 8.20 26.50 10.79
CA THR A 287 7.19 26.73 9.73
C THR A 287 5.78 26.41 10.24
N PHE A 288 5.62 25.36 11.04
CA PHE A 288 4.30 24.88 11.51
C PHE A 288 3.92 25.56 12.84
N GLY A 289 4.77 26.44 13.34
CA GLY A 289 4.54 27.22 14.56
C GLY A 289 4.47 26.34 15.80
N VAL A 290 5.17 25.22 15.78
CA VAL A 290 5.14 24.24 16.92
C VAL A 290 6.04 24.76 18.02
N ILE A 291 5.54 24.76 19.26
CA ILE A 291 6.40 25.08 20.44
C ILE A 291 6.40 23.85 21.36
N GLU A 292 7.47 23.69 22.15
CA GLU A 292 7.71 22.44 22.95
C GLU A 292 6.54 22.22 23.93
N SER A 293 5.95 23.28 24.48
CA SER A 293 4.88 23.21 25.51
C SER A 293 3.51 22.85 24.93
N ASP A 294 3.35 22.83 23.61
CA ASP A 294 2.07 22.44 22.98
C ASP A 294 1.73 21.05 23.50
N PRO A 295 0.46 20.75 23.80
CA PRO A 295 0.08 19.40 24.18
C PRO A 295 0.49 18.39 23.09
N PHE A 296 1.04 17.27 23.54
CA PHE A 296 1.14 16.07 22.69
C PHE A 296 -0.26 15.49 22.49
N ASP A 297 -0.39 14.65 21.46
CA ASP A 297 -1.71 14.11 21.07
C ASP A 297 -2.40 13.37 22.23
N TRP A 298 -1.65 12.65 23.04
CA TRP A 298 -2.20 11.84 24.15
C TRP A 298 -2.59 12.70 25.36
N GLU A 299 -2.26 14.01 25.38
CA GLU A 299 -2.61 14.93 26.51
C GLU A 299 -3.94 15.63 26.25
N LYS A 300 -4.40 15.62 25.00
CA LYS A 300 -5.25 16.65 24.37
C LYS A 300 -5.09 16.46 22.87
N GLN B 8 -26.87 -18.52 -11.70
CA GLN B 8 -27.85 -17.97 -10.70
C GLN B 8 -29.21 -17.82 -11.38
N PRO B 9 -30.32 -18.37 -10.81
CA PRO B 9 -31.62 -18.32 -11.47
C PRO B 9 -32.17 -16.89 -11.56
N ASP B 10 -32.91 -16.56 -12.62
CA ASP B 10 -33.44 -15.19 -12.80
C ASP B 10 -34.45 -14.90 -11.67
N ILE B 11 -34.44 -13.66 -11.22
CA ILE B 11 -35.28 -13.07 -10.16
C ILE B 11 -36.47 -12.35 -10.80
N LEU B 12 -36.24 -11.62 -11.89
CA LEU B 12 -37.32 -10.96 -12.63
C LEU B 12 -37.66 -11.78 -13.86
N SER B 13 -38.61 -11.26 -14.61
CA SER B 13 -39.19 -11.83 -15.82
C SER B 13 -39.73 -10.69 -16.66
N VAL B 14 -39.78 -10.87 -17.95
CA VAL B 14 -40.36 -9.84 -18.83
C VAL B 14 -41.79 -9.56 -18.38
N GLY B 15 -42.12 -8.26 -18.35
CA GLY B 15 -43.45 -7.73 -17.99
C GLY B 15 -43.51 -7.19 -16.58
N ILE B 16 -42.61 -7.62 -15.70
CA ILE B 16 -42.56 -7.19 -14.27
C ILE B 16 -42.37 -5.67 -14.22
N LEU B 17 -43.09 -5.00 -13.32
CA LEU B 17 -42.93 -3.54 -13.07
C LEU B 17 -42.10 -3.39 -11.80
N VAL B 18 -41.00 -2.64 -11.86
CA VAL B 18 -40.15 -2.36 -10.68
C VAL B 18 -40.47 -0.94 -10.19
N LYS B 19 -40.87 -0.84 -8.92
CA LYS B 19 -41.17 0.43 -8.16
C LYS B 19 -42.34 1.28 -8.85
N GLU B 20 -43.30 0.58 -9.44
CA GLU B 20 -44.38 1.18 -10.30
C GLU B 20 -43.83 2.07 -11.42
N ARG B 21 -42.62 1.85 -11.91
CA ARG B 21 -41.98 2.78 -12.91
C ARG B 21 -41.28 2.08 -14.08
N TRP B 22 -40.46 1.07 -13.83
CA TRP B 22 -39.63 0.41 -14.86
C TRP B 22 -40.29 -0.91 -15.23
N LYS B 23 -40.80 -0.99 -16.44
CA LYS B 23 -41.41 -2.22 -16.97
C LYS B 23 -40.32 -3.02 -17.67
N VAL B 24 -40.03 -4.21 -17.18
CA VAL B 24 -39.01 -5.09 -17.80
C VAL B 24 -39.52 -5.51 -19.16
N LEU B 25 -38.75 -5.25 -20.24
CA LEU B 25 -39.21 -5.57 -21.60
C LEU B 25 -38.48 -6.77 -22.23
N ARG B 26 -37.17 -6.86 -21.99
CA ARG B 26 -36.37 -7.85 -22.73
C ARG B 26 -35.07 -8.12 -21.97
N LYS B 27 -34.74 -9.37 -21.81
CA LYS B 27 -33.45 -9.76 -21.18
C LYS B 27 -32.34 -9.47 -22.18
N ILE B 28 -31.30 -8.79 -21.75
CA ILE B 28 -30.19 -8.48 -22.68
C ILE B 28 -28.89 -9.09 -22.17
N GLY B 29 -28.87 -9.57 -20.94
CA GLY B 29 -27.65 -10.14 -20.35
C GLY B 29 -27.95 -11.10 -19.23
N GLY B 30 -26.98 -12.00 -19.05
CA GLY B 30 -27.05 -13.35 -18.47
C GLY B 30 -25.63 -13.88 -18.40
N GLY B 31 -25.44 -15.19 -18.20
CA GLY B 31 -24.13 -15.76 -17.84
C GLY B 31 -23.50 -14.98 -16.68
N GLY B 32 -22.18 -14.75 -16.75
CA GLY B 32 -21.38 -14.07 -15.71
C GLY B 32 -21.36 -12.56 -15.88
N PHE B 33 -22.22 -11.99 -16.73
CA PHE B 33 -22.55 -10.54 -16.78
C PHE B 33 -23.80 -10.25 -15.95
N GLY B 34 -24.45 -11.29 -15.41
CA GLY B 34 -25.55 -11.09 -14.45
C GLY B 34 -26.86 -10.85 -15.14
N GLU B 35 -27.89 -10.49 -14.39
CA GLU B 35 -29.28 -10.38 -14.89
C GLU B 35 -29.54 -8.94 -15.26
N ILE B 36 -29.68 -8.66 -16.56
CA ILE B 36 -29.84 -7.28 -17.05
CA ILE B 36 -29.77 -7.29 -17.12
C ILE B 36 -30.92 -7.22 -18.13
N TYR B 37 -31.72 -6.18 -18.06
CA TYR B 37 -32.89 -6.02 -18.96
C TYR B 37 -32.88 -4.66 -19.62
N ASP B 38 -33.45 -4.63 -20.83
CA ASP B 38 -34.03 -3.40 -21.42
C ASP B 38 -35.38 -3.21 -20.75
N ALA B 39 -35.58 -2.08 -20.12
CA ALA B 39 -36.82 -1.75 -19.39
C ALA B 39 -37.38 -0.45 -19.96
N LEU B 40 -38.68 -0.28 -19.84
CA LEU B 40 -39.39 0.98 -20.19
C LEU B 40 -39.49 1.81 -18.93
N ASP B 41 -38.85 2.98 -18.93
CA ASP B 41 -39.01 3.96 -17.85
C ASP B 41 -40.29 4.74 -18.09
N MET B 42 -41.35 4.44 -17.34
CA MET B 42 -42.67 5.04 -17.60
CA MET B 42 -42.66 5.03 -17.64
C MET B 42 -42.68 6.53 -17.27
N LEU B 43 -41.75 7.00 -16.46
CA LEU B 43 -41.68 8.45 -16.15
C LEU B 43 -41.19 9.22 -17.37
N THR B 44 -40.14 8.74 -18.07
CA THR B 44 -39.49 9.51 -19.16
C THR B 44 -39.85 8.95 -20.55
N ARG B 45 -40.49 7.81 -20.60
CA ARG B 45 -40.91 7.15 -21.87
C ARG B 45 -39.65 6.87 -22.69
N GLU B 46 -38.69 6.24 -22.04
CA GLU B 46 -37.39 5.88 -22.65
C GLU B 46 -37.09 4.44 -22.29
N ASN B 47 -36.34 3.77 -23.15
CA ASN B 47 -35.73 2.47 -22.82
C ASN B 47 -34.48 2.74 -21.97
N VAL B 48 -34.33 1.98 -20.91
CA VAL B 48 -33.22 2.05 -19.95
C VAL B 48 -32.66 0.64 -19.71
N ALA B 49 -31.51 0.56 -19.06
CA ALA B 49 -30.91 -0.71 -18.63
C ALA B 49 -31.21 -0.88 -17.16
N LEU B 50 -31.64 -2.07 -16.78
CA LEU B 50 -31.96 -2.40 -15.39
C LEU B 50 -31.21 -3.68 -15.05
N LYS B 51 -30.36 -3.61 -14.05
CA LYS B 51 -29.56 -4.74 -13.54
C LYS B 51 -30.17 -5.13 -12.21
N VAL B 52 -30.22 -6.42 -11.96
CA VAL B 52 -30.87 -6.96 -10.74
C VAL B 52 -30.07 -8.14 -10.23
N GLU B 53 -30.11 -8.31 -8.92
CA GLU B 53 -29.52 -9.49 -8.26
C GLU B 53 -30.42 -9.88 -7.08
N SER B 54 -30.49 -11.16 -6.79
CA SER B 54 -31.17 -11.65 -5.58
C SER B 54 -30.55 -11.03 -4.32
N ALA B 55 -31.39 -10.65 -3.36
CA ALA B 55 -30.99 -10.20 -2.03
C ALA B 55 -30.37 -11.38 -1.26
N GLN B 56 -30.52 -12.63 -1.72
CA GLN B 56 -29.90 -13.86 -1.12
C GLN B 56 -28.69 -14.36 -1.93
N GLN B 57 -28.33 -13.78 -3.07
CA GLN B 57 -27.17 -14.23 -3.91
C GLN B 57 -25.91 -14.14 -3.07
N PRO B 58 -25.05 -15.19 -3.00
CA PRO B 58 -23.92 -15.21 -2.07
C PRO B 58 -22.90 -14.08 -2.30
N LYS B 59 -22.60 -13.77 -3.57
CA LYS B 59 -21.60 -12.74 -3.96
C LYS B 59 -22.31 -11.59 -4.67
N GLN B 60 -22.70 -10.54 -3.93
CA GLN B 60 -23.52 -9.41 -4.48
C GLN B 60 -22.60 -8.26 -4.88
N VAL B 61 -22.78 -7.74 -6.08
CA VAL B 61 -21.86 -6.71 -6.63
C VAL B 61 -22.64 -5.42 -6.95
N LEU B 62 -23.96 -5.37 -6.80
CA LEU B 62 -24.66 -4.14 -7.25
C LEU B 62 -24.38 -2.99 -6.26
N LYS B 63 -24.01 -3.25 -5.02
CA LYS B 63 -23.61 -2.15 -4.10
C LYS B 63 -22.39 -1.45 -4.68
N MET B 64 -21.45 -2.22 -5.24
CA MET B 64 -20.25 -1.64 -5.93
C MET B 64 -20.68 -0.91 -7.21
N GLU B 65 -21.52 -1.52 -8.04
CA GLU B 65 -22.02 -0.96 -9.28
C GLU B 65 -22.53 0.44 -8.94
N VAL B 66 -23.40 0.56 -7.95
CA VAL B 66 -24.05 1.84 -7.69
C VAL B 66 -23.03 2.85 -7.19
N ALA B 67 -22.16 2.45 -6.28
CA ALA B 67 -21.18 3.37 -5.71
C ALA B 67 -20.30 3.94 -6.83
N VAL B 68 -19.79 3.09 -7.72
CA VAL B 68 -18.86 3.58 -8.77
C VAL B 68 -19.65 4.38 -9.81
N LEU B 69 -20.81 3.92 -10.23
CA LEU B 69 -21.62 4.68 -11.19
C LEU B 69 -21.87 6.08 -10.63
N LYS B 70 -22.24 6.18 -9.33
CA LYS B 70 -22.45 7.50 -8.70
C LYS B 70 -21.17 8.32 -8.76
N LYS B 71 -20.03 7.77 -8.38
CA LYS B 71 -18.75 8.48 -8.31
C LYS B 71 -18.33 8.99 -9.69
N LEU B 72 -18.74 8.31 -10.76
CA LEU B 72 -18.33 8.70 -12.12
C LEU B 72 -19.36 9.66 -12.75
N GLN B 73 -20.47 9.95 -12.07
CA GLN B 73 -21.53 10.77 -12.72
C GLN B 73 -20.97 12.10 -13.20
N GLY B 74 -21.44 12.47 -14.40
CA GLY B 74 -21.07 13.68 -15.10
C GLY B 74 -19.87 13.46 -15.99
N LYS B 75 -19.11 12.37 -15.83
CA LYS B 75 -17.94 12.11 -16.68
C LYS B 75 -18.36 11.52 -18.01
N ASP B 76 -17.44 11.62 -18.96
CA ASP B 76 -17.63 11.02 -20.29
C ASP B 76 -17.45 9.50 -20.16
N HIS B 77 -17.93 8.75 -21.14
CA HIS B 77 -17.78 7.30 -21.26
C HIS B 77 -18.50 6.52 -20.13
N VAL B 78 -19.42 7.15 -19.45
CA VAL B 78 -20.18 6.49 -18.36
C VAL B 78 -21.69 6.60 -18.64
N CYS B 79 -22.44 5.59 -18.27
CA CYS B 79 -23.93 5.61 -18.41
C CYS B 79 -24.49 6.56 -17.36
N ARG B 80 -25.50 7.31 -17.72
CA ARG B 80 -26.26 8.16 -16.75
C ARG B 80 -26.89 7.24 -15.70
N PHE B 81 -26.74 7.60 -14.44
CA PHE B 81 -27.44 6.95 -13.34
C PHE B 81 -28.88 7.41 -13.27
N ILE B 82 -29.79 6.45 -13.22
CA ILE B 82 -31.23 6.72 -13.22
C ILE B 82 -31.82 6.41 -11.85
N GLY B 83 -31.49 5.27 -11.23
CA GLY B 83 -32.07 4.99 -9.92
C GLY B 83 -31.58 3.68 -9.41
N CYS B 84 -31.93 3.38 -8.17
CA CYS B 84 -31.50 2.13 -7.54
C CYS B 84 -32.36 1.83 -6.34
N GLY B 85 -32.37 0.58 -5.94
CA GLY B 85 -33.15 0.19 -4.78
C GLY B 85 -32.73 -1.17 -4.25
N ARG B 86 -33.16 -1.43 -3.02
CA ARG B 86 -32.84 -2.65 -2.25
C ARG B 86 -34.11 -3.08 -1.54
N ASN B 87 -34.50 -4.34 -1.69
CA ASN B 87 -35.68 -4.86 -0.97
C ASN B 87 -35.35 -6.29 -0.54
N ASP B 88 -36.31 -6.94 0.11
CA ASP B 88 -36.14 -8.30 0.67
C ASP B 88 -35.83 -9.28 -0.47
N ARG B 89 -36.25 -8.98 -1.70
CA ARG B 89 -36.19 -10.02 -2.78
C ARG B 89 -34.99 -9.73 -3.66
N PHE B 90 -34.78 -8.48 -3.95
CA PHE B 90 -33.72 -8.13 -4.92
C PHE B 90 -33.19 -6.74 -4.62
N ASN B 91 -32.04 -6.49 -5.23
CA ASN B 91 -31.41 -5.15 -5.36
C ASN B 91 -31.40 -4.84 -6.87
N TYR B 92 -31.49 -3.58 -7.22
CA TYR B 92 -31.50 -3.20 -8.64
C TYR B 92 -30.79 -1.87 -8.80
N VAL B 93 -30.31 -1.65 -10.01
CA VAL B 93 -29.78 -0.34 -10.44
C VAL B 93 -30.31 -0.12 -11.83
N VAL B 94 -30.64 1.12 -12.10
CA VAL B 94 -31.14 1.53 -13.43
C VAL B 94 -30.19 2.56 -14.01
N MET B 95 -29.85 2.42 -15.28
CA MET B 95 -28.90 3.34 -15.92
CA MET B 95 -28.94 3.40 -15.91
C MET B 95 -29.15 3.43 -17.42
N GLN B 96 -28.52 4.40 -18.05
CA GLN B 96 -28.70 4.65 -19.49
C GLN B 96 -28.44 3.36 -20.27
N LEU B 97 -29.32 3.07 -21.22
CA LEU B 97 -29.16 1.93 -22.13
C LEU B 97 -28.25 2.35 -23.27
N GLN B 98 -27.27 1.54 -23.60
CA GLN B 98 -26.38 1.80 -24.73
C GLN B 98 -26.69 0.87 -25.89
N GLY B 99 -25.84 0.93 -26.89
CA GLY B 99 -26.04 0.16 -28.11
C GLY B 99 -25.26 -1.14 -28.09
N ARG B 100 -24.65 -1.40 -29.25
CA ARG B 100 -23.90 -2.63 -29.55
C ARG B 100 -22.59 -2.69 -28.73
N ASN B 101 -22.32 -3.79 -28.05
CA ASN B 101 -21.10 -3.99 -27.26
C ASN B 101 -19.98 -4.40 -28.20
N LEU B 102 -18.76 -4.15 -27.77
CA LEU B 102 -17.62 -4.25 -28.67
C LEU B 102 -17.33 -5.71 -28.99
N ALA B 103 -17.61 -6.65 -28.08
CA ALA B 103 -17.43 -8.08 -28.37
C ALA B 103 -18.38 -8.47 -29.51
N ASP B 104 -19.62 -8.01 -29.47
CA ASP B 104 -20.66 -8.23 -30.50
C ASP B 104 -20.22 -7.57 -31.82
N LEU B 105 -19.71 -6.35 -31.75
CA LEU B 105 -19.34 -5.62 -32.97
C LEU B 105 -18.16 -6.35 -33.62
N ARG B 106 -17.21 -6.85 -32.83
CA ARG B 106 -16.06 -7.53 -33.44
C ARG B 106 -16.51 -8.87 -34.05
N ARG B 107 -17.45 -9.57 -33.40
CA ARG B 107 -17.91 -10.90 -33.91
C ARG B 107 -18.71 -10.68 -35.20
N SER B 108 -19.34 -9.51 -35.35
CA SER B 108 -20.22 -9.19 -36.51
C SER B 108 -19.39 -8.80 -37.74
N GLN B 109 -18.10 -8.58 -37.57
CA GLN B 109 -17.19 -8.38 -38.71
C GLN B 109 -16.91 -9.76 -39.32
N SER B 110 -16.95 -9.87 -40.63
CA SER B 110 -16.73 -11.14 -41.36
C SER B 110 -15.37 -11.71 -40.92
N ARG B 111 -14.36 -10.86 -40.79
CA ARG B 111 -12.97 -11.31 -40.49
C ARG B 111 -12.71 -11.41 -38.98
N GLY B 112 -13.64 -10.97 -38.13
CA GLY B 112 -13.44 -11.05 -36.67
C GLY B 112 -12.34 -10.10 -36.17
N THR B 113 -12.08 -9.02 -36.90
CA THR B 113 -11.02 -8.03 -36.58
C THR B 113 -11.59 -6.63 -36.80
N PHE B 114 -10.98 -5.64 -36.17
CA PHE B 114 -11.15 -4.23 -36.56
C PHE B 114 -9.89 -3.71 -37.26
N THR B 115 -10.07 -2.71 -38.10
CA THR B 115 -8.99 -1.93 -38.73
C THR B 115 -8.19 -1.20 -37.64
N ILE B 116 -7.00 -0.78 -38.01
CA ILE B 116 -6.19 0.10 -37.12
C ILE B 116 -6.93 1.43 -36.85
N SER B 117 -7.67 1.96 -37.82
CA SER B 117 -8.43 3.23 -37.62
C SER B 117 -9.45 3.05 -36.49
N THR B 118 -10.30 2.04 -36.57
CA THR B 118 -11.31 1.77 -35.55
C THR B 118 -10.61 1.40 -34.22
N THR B 119 -9.54 0.59 -34.27
CA THR B 119 -8.87 0.13 -33.03
C THR B 119 -8.30 1.32 -32.30
N LEU B 120 -7.59 2.20 -32.99
CA LEU B 120 -6.94 3.35 -32.30
C LEU B 120 -8.01 4.22 -31.64
N ARG B 121 -9.09 4.50 -32.34
CA ARG B 121 -10.11 5.43 -31.80
C ARG B 121 -10.78 4.77 -30.60
N LEU B 122 -11.16 3.50 -30.70
CA LEU B 122 -11.76 2.81 -29.54
C LEU B 122 -10.75 2.76 -28.40
N GLY B 123 -9.51 2.40 -28.70
CA GLY B 123 -8.46 2.31 -27.67
C GLY B 123 -8.33 3.62 -26.91
N ARG B 124 -8.28 4.74 -27.61
CA ARG B 124 -8.11 6.05 -26.99
C ARG B 124 -9.29 6.30 -26.09
N GLN B 125 -10.52 6.04 -26.54
CA GLN B 125 -11.70 6.26 -25.69
C GLN B 125 -11.63 5.39 -24.45
N ILE B 126 -11.26 4.13 -24.60
CA ILE B 126 -11.24 3.19 -23.46
C ILE B 126 -10.14 3.66 -22.49
N LEU B 127 -9.02 4.13 -23.01
CA LEU B 127 -7.97 4.66 -22.09
C LEU B 127 -8.54 5.84 -21.32
N GLU B 128 -9.26 6.73 -21.98
CA GLU B 128 -9.90 7.86 -21.25
C GLU B 128 -10.74 7.30 -20.10
N SER B 129 -11.59 6.30 -20.37
CA SER B 129 -12.50 5.74 -19.37
C SER B 129 -11.72 5.09 -18.19
N ILE B 130 -10.59 4.46 -18.48
CA ILE B 130 -9.76 3.82 -17.43
C ILE B 130 -9.13 4.94 -16.59
N GLU B 131 -8.53 5.95 -17.18
CA GLU B 131 -7.97 7.07 -16.38
C GLU B 131 -9.10 7.64 -15.49
N SER B 132 -10.29 7.78 -16.02
CA SER B 132 -11.42 8.36 -15.25
CA SER B 132 -11.43 8.35 -15.27
C SER B 132 -11.75 7.49 -14.04
N ILE B 133 -11.93 6.20 -14.19
CA ILE B 133 -12.29 5.36 -13.01
C ILE B 133 -11.11 5.38 -12.03
N HIS B 134 -9.86 5.34 -12.49
CA HIS B 134 -8.70 5.44 -11.58
C HIS B 134 -8.75 6.77 -10.82
N SER B 135 -9.15 7.84 -11.51
CA SER B 135 -9.15 9.20 -10.93
C SER B 135 -10.12 9.32 -9.75
N VAL B 136 -11.16 8.48 -9.64
CA VAL B 136 -12.11 8.48 -8.51
C VAL B 136 -11.77 7.37 -7.52
N GLY B 137 -10.60 6.75 -7.66
CA GLY B 137 -10.04 5.85 -6.65
C GLY B 137 -10.44 4.40 -6.83
N PHE B 138 -10.92 4.01 -7.99
CA PHE B 138 -11.31 2.61 -8.20
C PHE B 138 -10.54 1.98 -9.36
N LEU B 139 -10.23 0.71 -9.20
CA LEU B 139 -9.76 -0.18 -10.28
C LEU B 139 -10.96 -0.89 -10.87
N HIS B 140 -10.96 -1.10 -12.16
CA HIS B 140 -12.05 -1.80 -12.87
C HIS B 140 -11.95 -3.30 -12.66
N ARG B 141 -10.77 -3.82 -12.98
CA ARG B 141 -10.35 -5.23 -12.77
C ARG B 141 -11.02 -6.21 -13.71
N ASP B 142 -11.89 -5.77 -14.62
CA ASP B 142 -12.42 -6.70 -15.65
C ASP B 142 -12.55 -5.98 -16.96
N ILE B 143 -11.48 -5.35 -17.42
CA ILE B 143 -11.46 -4.69 -18.73
C ILE B 143 -11.51 -5.75 -19.84
N LYS B 144 -12.54 -5.74 -20.65
CA LYS B 144 -12.74 -6.74 -21.71
C LYS B 144 -13.76 -6.16 -22.67
N PRO B 145 -13.84 -6.66 -23.91
CA PRO B 145 -14.66 -5.96 -24.92
C PRO B 145 -16.15 -5.92 -24.57
N SER B 146 -16.67 -6.96 -23.93
CA SER B 146 -18.11 -7.01 -23.58
C SER B 146 -18.46 -6.01 -22.49
N ASN B 147 -17.48 -5.36 -21.84
CA ASN B 147 -17.81 -4.30 -20.85
C ASN B 147 -17.79 -2.90 -21.47
N PHE B 148 -17.82 -2.82 -22.78
CA PHE B 148 -17.86 -1.54 -23.54
C PHE B 148 -18.92 -1.63 -24.63
N ALA B 149 -19.62 -0.53 -24.88
CA ALA B 149 -20.58 -0.46 -25.98
C ALA B 149 -20.60 0.93 -26.55
N MET B 150 -20.93 1.03 -27.82
CA MET B 150 -21.18 2.35 -28.44
C MET B 150 -22.56 2.82 -28.02
N GLY B 151 -22.83 4.10 -28.14
CA GLY B 151 -24.17 4.62 -27.90
C GLY B 151 -25.21 4.15 -28.94
N ARG B 152 -26.50 4.36 -28.67
CA ARG B 152 -27.57 3.78 -29.47
C ARG B 152 -28.29 4.83 -30.33
N PHE B 153 -27.89 6.11 -30.27
CA PHE B 153 -28.54 7.21 -31.01
C PHE B 153 -27.51 7.91 -31.87
N PRO B 154 -27.93 8.72 -32.85
CA PRO B 154 -26.95 9.45 -33.66
C PRO B 154 -26.00 10.29 -32.83
N SER B 155 -26.50 10.90 -31.75
CA SER B 155 -25.67 11.82 -30.93
C SER B 155 -24.74 11.07 -29.97
N THR B 156 -24.88 9.74 -29.84
CA THR B 156 -24.09 8.96 -28.86
C THR B 156 -23.38 7.77 -29.53
N CYS B 157 -23.71 7.43 -30.77
CA CYS B 157 -23.22 6.15 -31.34
C CYS B 157 -21.75 6.21 -31.73
N ARG B 158 -21.08 7.37 -31.66
CA ARG B 158 -19.62 7.48 -31.90
C ARG B 158 -18.85 7.55 -30.58
N LYS B 159 -19.56 7.43 -29.47
CA LYS B 159 -19.02 7.42 -28.11
C LYS B 159 -19.03 5.98 -27.57
N CYS B 160 -17.95 5.58 -26.96
CA CYS B 160 -17.76 4.28 -26.31
C CYS B 160 -17.95 4.44 -24.81
N TYR B 161 -18.77 3.60 -24.21
CA TYR B 161 -19.16 3.66 -22.80
C TYR B 161 -18.68 2.42 -22.06
N MET B 162 -18.12 2.65 -20.88
CA MET B 162 -17.81 1.59 -19.89
C MET B 162 -19.12 1.17 -19.22
N LEU B 163 -19.48 -0.11 -19.23
CA LEU B 163 -20.89 -0.55 -18.98
C LEU B 163 -21.13 -1.11 -17.58
N ASP B 164 -20.09 -1.59 -16.90
CA ASP B 164 -20.25 -2.43 -15.70
C ASP B 164 -19.08 -2.19 -14.75
N PHE B 165 -19.33 -2.21 -13.44
CA PHE B 165 -18.32 -1.99 -12.39
C PHE B 165 -18.40 -3.05 -11.29
N GLY B 166 -19.01 -4.19 -11.56
CA GLY B 166 -19.28 -5.24 -10.55
C GLY B 166 -18.00 -5.73 -9.90
N LEU B 167 -16.88 -5.78 -10.62
CA LEU B 167 -15.64 -6.38 -10.05
C LEU B 167 -14.69 -5.27 -9.58
N ALA B 168 -15.13 -4.01 -9.55
CA ALA B 168 -14.26 -2.89 -9.14
C ALA B 168 -13.82 -3.03 -7.68
N ARG B 169 -12.71 -2.38 -7.37
CA ARG B 169 -12.21 -2.26 -5.98
C ARG B 169 -11.65 -0.87 -5.78
N GLN B 170 -11.93 -0.28 -4.64
CA GLN B 170 -11.34 1.01 -4.25
C GLN B 170 -9.88 0.78 -3.91
N PHE B 171 -8.95 1.48 -4.57
CA PHE B 171 -7.51 1.26 -4.27
C PHE B 171 -6.93 2.44 -3.48
N THR B 172 -7.74 3.46 -3.18
CA THR B 172 -7.38 4.59 -2.31
C THR B 172 -8.21 4.54 -1.03
N ASN B 173 -7.68 5.10 0.05
CA ASN B 173 -8.30 4.98 1.38
C ASN B 173 -9.23 6.17 1.56
N SER B 174 -9.79 6.34 2.78
CA SER B 174 -10.55 7.53 3.25
C SER B 174 -9.85 8.84 2.85
N CYS B 175 -8.51 8.86 2.90
CA CYS B 175 -7.70 10.10 2.77
C CYS B 175 -7.33 10.35 1.30
N GLY B 176 -7.41 9.33 0.44
CA GLY B 176 -7.06 9.41 -1.00
C GLY B 176 -5.64 8.92 -1.29
N ASP B 177 -5.00 8.28 -0.30
CA ASP B 177 -3.67 7.62 -0.40
C ASP B 177 -3.88 6.21 -0.98
N VAL B 178 -2.88 5.64 -1.64
CA VAL B 178 -2.94 4.24 -2.19
C VAL B 178 -2.92 3.26 -1.01
N ARG B 179 -3.86 2.33 -0.99
CA ARG B 179 -4.07 1.38 0.13
C ARG B 179 -2.93 0.39 0.12
N PRO B 180 -2.41 -0.01 1.28
CA PRO B 180 -1.45 -1.11 1.36
C PRO B 180 -2.07 -2.37 0.74
N PRO B 181 -1.37 -3.03 -0.20
CA PRO B 181 -1.92 -4.21 -0.82
C PRO B 181 -1.98 -5.41 0.14
N ARG B 182 -2.98 -6.24 -0.11
CA ARG B 182 -3.04 -7.58 0.51
C ARG B 182 -1.89 -8.45 0.02
N ALA B 183 -1.48 -9.40 0.86
CA ALA B 183 -0.43 -10.39 0.52
C ALA B 183 -0.95 -11.28 -0.61
N VAL B 184 -2.23 -11.66 -0.56
CA VAL B 184 -2.90 -12.54 -1.57
C VAL B 184 -4.24 -11.92 -1.91
N ALA B 185 -4.61 -11.95 -3.20
CA ALA B 185 -5.92 -11.48 -3.69
C ALA B 185 -6.40 -12.48 -4.74
N GLY B 186 -7.50 -13.16 -4.44
CA GLY B 186 -8.22 -14.07 -5.36
C GLY B 186 -8.43 -13.45 -6.73
N PHE B 187 -8.11 -14.23 -7.75
CA PHE B 187 -8.09 -13.87 -9.18
C PHE B 187 -9.44 -13.26 -9.51
N ARG B 188 -9.37 -12.06 -10.08
CA ARG B 188 -10.54 -11.26 -10.44
C ARG B 188 -10.45 -11.02 -11.95
N GLY B 189 -11.52 -11.42 -12.62
CA GLY B 189 -11.84 -11.00 -13.98
C GLY B 189 -11.93 -12.20 -14.90
N THR B 190 -11.53 -11.98 -16.12
CA THR B 190 -11.70 -12.92 -17.23
C THR B 190 -10.31 -13.44 -17.64
N VAL B 191 -10.16 -14.73 -17.69
CA VAL B 191 -8.81 -15.35 -17.87
C VAL B 191 -8.16 -14.78 -19.12
N ARG B 192 -8.91 -14.63 -20.19
CA ARG B 192 -8.32 -14.22 -21.47
C ARG B 192 -7.61 -12.88 -21.36
N TYR B 193 -8.13 -11.90 -20.63
CA TYR B 193 -7.60 -10.52 -20.63
C TYR B 193 -6.87 -10.19 -19.33
N ALA B 194 -6.75 -11.15 -18.42
CA ALA B 194 -6.15 -10.91 -17.09
C ALA B 194 -4.66 -10.67 -17.21
N SER B 195 -4.11 -9.73 -16.43
CA SER B 195 -2.67 -9.50 -16.37
C SER B 195 -1.96 -10.65 -15.61
N ILE B 196 -0.68 -10.72 -15.77
CA ILE B 196 0.16 -11.70 -15.03
C ILE B 196 -0.11 -11.54 -13.52
N ASN B 197 -0.26 -10.32 -13.01
CA ASN B 197 -0.46 -10.13 -11.55
C ASN B 197 -1.76 -10.76 -11.06
N ALA B 198 -2.85 -10.72 -11.85
CA ALA B 198 -4.09 -11.44 -11.50
C ALA B 198 -3.83 -12.94 -11.44
N HIS B 199 -3.12 -13.48 -12.41
CA HIS B 199 -2.77 -14.91 -12.48
C HIS B 199 -1.96 -15.32 -11.23
N ARG B 200 -1.17 -14.39 -10.68
CA ARG B 200 -0.29 -14.67 -9.51
C ARG B 200 -1.03 -14.34 -8.20
N ASN B 201 -2.31 -14.02 -8.26
CA ASN B 201 -3.16 -13.73 -7.08
C ASN B 201 -2.50 -12.62 -6.28
N ARG B 202 -1.96 -11.65 -6.98
CA ARG B 202 -1.41 -10.42 -6.38
C ARG B 202 -2.51 -9.37 -6.34
N GLU B 203 -2.38 -8.44 -5.43
CA GLU B 203 -3.25 -7.27 -5.40
C GLU B 203 -3.13 -6.52 -6.75
N MET B 204 -4.25 -6.33 -7.44
CA MET B 204 -4.26 -5.66 -8.73
C MET B 204 -4.04 -4.14 -8.53
N GLY B 205 -3.42 -3.54 -9.53
CA GLY B 205 -3.22 -2.09 -9.54
C GLY B 205 -3.74 -1.46 -10.80
N ARG B 206 -3.45 -0.17 -10.96
CA ARG B 206 -3.88 0.60 -12.13
C ARG B 206 -3.27 0.03 -13.40
N HIS B 207 -2.03 -0.44 -13.33
CA HIS B 207 -1.35 -0.99 -14.50
C HIS B 207 -2.05 -2.27 -14.98
N ASP B 208 -2.69 -3.03 -14.11
CA ASP B 208 -3.32 -4.30 -14.55
C ASP B 208 -4.54 -4.02 -15.44
N ASP B 209 -5.27 -2.92 -15.20
CA ASP B 209 -6.31 -2.48 -16.17
C ASP B 209 -5.67 -2.13 -17.50
N LEU B 210 -4.49 -1.54 -17.52
CA LEU B 210 -3.82 -1.16 -18.78
C LEU B 210 -3.28 -2.40 -19.51
N TRP B 211 -2.79 -3.42 -18.82
CA TRP B 211 -2.44 -4.73 -19.42
C TRP B 211 -3.69 -5.28 -20.15
N SER B 212 -4.84 -5.28 -19.50
CA SER B 212 -6.08 -5.82 -20.09
C SER B 212 -6.41 -5.01 -21.34
N LEU B 213 -6.25 -3.69 -21.29
CA LEU B 213 -6.46 -2.84 -22.48
C LEU B 213 -5.50 -3.26 -23.60
N PHE B 214 -4.21 -3.47 -23.29
CA PHE B 214 -3.23 -3.88 -24.31
C PHE B 214 -3.71 -5.17 -24.96
N TYR B 215 -4.12 -6.17 -24.18
CA TYR B 215 -4.57 -7.47 -24.73
C TYR B 215 -5.82 -7.26 -25.61
N MET B 216 -6.74 -6.41 -25.14
CA MET B 216 -7.97 -6.15 -25.93
C MET B 216 -7.58 -5.54 -27.29
N LEU B 217 -6.65 -4.59 -27.31
CA LEU B 217 -6.30 -3.90 -28.59
C LEU B 217 -5.59 -4.85 -29.55
N VAL B 218 -4.72 -5.70 -29.01
CA VAL B 218 -4.06 -6.74 -29.83
C VAL B 218 -5.14 -7.66 -30.43
N GLU B 219 -6.06 -8.10 -29.62
CA GLU B 219 -7.14 -9.00 -30.08
C GLU B 219 -8.00 -8.31 -31.13
N PHE B 220 -8.25 -7.02 -30.99
CA PHE B 220 -9.00 -6.25 -32.02
C PHE B 220 -8.28 -6.37 -33.37
N VAL B 221 -6.96 -6.20 -33.40
CA VAL B 221 -6.27 -6.04 -34.71
CA VAL B 221 -6.19 -6.04 -34.67
C VAL B 221 -5.95 -7.42 -35.29
N VAL B 222 -5.57 -8.39 -34.45
CA VAL B 222 -5.11 -9.73 -34.87
C VAL B 222 -6.32 -10.68 -34.98
N GLY B 223 -7.31 -10.49 -34.13
CA GLY B 223 -8.52 -11.33 -34.11
C GLY B 223 -8.43 -12.39 -33.04
N GLN B 224 -7.26 -12.54 -32.40
CA GLN B 224 -7.06 -13.61 -31.38
C GLN B 224 -5.84 -13.28 -30.54
N LEU B 225 -5.79 -13.84 -29.36
CA LEU B 225 -4.61 -13.80 -28.48
C LEU B 225 -3.94 -15.18 -28.49
N PRO B 226 -2.67 -15.25 -28.05
CA PRO B 226 -1.91 -16.50 -28.18
C PRO B 226 -2.48 -17.66 -27.35
N TRP B 227 -3.16 -17.32 -26.28
CA TRP B 227 -3.78 -18.25 -25.31
C TRP B 227 -5.31 -18.34 -25.53
N ARG B 228 -5.78 -18.01 -26.73
CA ARG B 228 -7.21 -18.16 -27.15
C ARG B 228 -7.71 -19.58 -26.79
N LYS B 229 -6.97 -20.65 -27.13
CA LYS B 229 -7.53 -22.02 -27.08
C LYS B 229 -7.30 -22.67 -25.71
N ILE B 230 -6.59 -22.01 -24.83
CA ILE B 230 -6.20 -22.56 -23.49
C ILE B 230 -7.27 -22.12 -22.48
N LYS B 231 -7.94 -23.08 -21.85
CA LYS B 231 -9.05 -22.86 -20.88
C LYS B 231 -8.50 -22.77 -19.45
N ASP B 232 -7.52 -23.58 -19.11
CA ASP B 232 -6.98 -23.71 -17.73
C ASP B 232 -6.24 -22.43 -17.33
N LYS B 233 -6.69 -21.82 -16.22
CA LYS B 233 -6.22 -20.50 -15.77
C LYS B 233 -4.70 -20.54 -15.53
N GLU B 234 -4.16 -21.63 -14.96
CA GLU B 234 -2.72 -21.74 -14.51
C GLU B 234 -1.72 -22.02 -15.72
N GLN B 235 -2.29 -22.70 -16.72
CA GLN B 235 -1.69 -22.80 -18.10
C GLN B 235 -1.64 -21.40 -18.80
N VAL B 236 -2.72 -20.66 -18.77
CA VAL B 236 -2.72 -19.33 -19.42
C VAL B 236 -1.66 -18.49 -18.71
N GLY B 237 -1.71 -18.44 -17.37
CA GLY B 237 -0.75 -17.61 -16.61
C GLY B 237 0.69 -17.97 -16.92
N SER B 238 1.00 -19.25 -17.05
CA SER B 238 2.35 -19.74 -17.39
CA SER B 238 2.36 -19.75 -17.38
C SER B 238 2.77 -19.21 -18.76
N ILE B 239 1.85 -19.21 -19.72
CA ILE B 239 2.14 -18.60 -21.06
C ILE B 239 2.43 -17.10 -20.90
N LYS B 240 1.60 -16.37 -20.20
CA LYS B 240 1.76 -14.91 -20.11
C LYS B 240 3.09 -14.58 -19.43
N GLU B 241 3.41 -15.27 -18.35
CA GLU B 241 4.65 -15.07 -17.57
C GLU B 241 5.89 -15.15 -18.47
N ARG B 242 5.92 -16.07 -19.43
CA ARG B 242 7.10 -16.32 -20.29
C ARG B 242 7.00 -15.54 -21.60
N TYR B 243 5.81 -15.06 -21.98
CA TYR B 243 5.57 -14.58 -23.36
C TYR B 243 6.40 -13.32 -23.60
N ASP B 244 7.00 -13.22 -24.78
CA ASP B 244 7.68 -11.98 -25.20
C ASP B 244 6.63 -11.05 -25.78
N HIS B 245 6.11 -10.10 -25.00
CA HIS B 245 4.99 -9.24 -25.48
C HIS B 245 5.39 -8.33 -26.65
N ARG B 246 6.68 -8.16 -26.92
CA ARG B 246 7.12 -7.40 -28.12
C ARG B 246 6.59 -8.08 -29.40
N LEU B 247 6.31 -9.39 -29.37
CA LEU B 247 5.76 -10.05 -30.57
C LEU B 247 4.43 -9.40 -30.93
N MET B 248 3.72 -8.86 -29.95
CA MET B 248 2.37 -8.29 -30.20
C MET B 248 2.50 -6.92 -30.85
N LEU B 249 3.69 -6.35 -30.93
CA LEU B 249 3.90 -5.01 -31.51
C LEU B 249 3.84 -5.05 -33.04
N LYS B 250 4.02 -6.23 -33.62
CA LYS B 250 4.11 -6.40 -35.08
C LYS B 250 2.93 -5.74 -35.79
N HIS B 251 1.72 -5.90 -35.28
CA HIS B 251 0.52 -5.43 -36.02
C HIS B 251 0.03 -4.11 -35.44
N LEU B 252 0.77 -3.50 -34.53
CA LEU B 252 0.34 -2.19 -33.99
C LEU B 252 1.21 -1.09 -34.58
N PRO B 253 0.73 0.18 -34.52
CA PRO B 253 1.57 1.32 -34.91
C PRO B 253 2.83 1.38 -34.07
N PRO B 254 3.94 1.91 -34.63
CA PRO B 254 5.24 1.85 -33.95
C PRO B 254 5.29 2.36 -32.51
N GLU B 255 4.55 3.43 -32.19
CA GLU B 255 4.65 4.02 -30.83
C GLU B 255 4.09 3.06 -29.80
N PHE B 256 3.44 1.97 -30.15
CA PHE B 256 2.99 1.03 -29.09
C PHE B 256 4.18 0.39 -28.38
N SER B 257 5.40 0.42 -28.94
CA SER B 257 6.60 0.00 -28.20
C SER B 257 6.69 0.82 -26.92
N ILE B 258 6.42 2.13 -27.02
CA ILE B 258 6.47 3.06 -25.86
C ILE B 258 5.40 2.64 -24.87
N PHE B 259 4.21 2.35 -25.34
CA PHE B 259 3.07 1.92 -24.49
C PHE B 259 3.46 0.66 -23.72
N LEU B 260 3.96 -0.35 -24.42
CA LEU B 260 4.31 -1.66 -23.79
C LEU B 260 5.48 -1.48 -22.80
N ASP B 261 6.50 -0.73 -23.17
CA ASP B 261 7.67 -0.49 -22.28
CA ASP B 261 7.67 -0.50 -22.28
C ASP B 261 7.16 0.17 -21.00
N HIS B 262 6.25 1.13 -21.15
CA HIS B 262 5.74 1.91 -19.99
C HIS B 262 4.98 0.98 -19.07
N ILE B 263 4.00 0.25 -19.56
CA ILE B 263 3.17 -0.57 -18.64
C ILE B 263 4.03 -1.71 -18.06
N SER B 264 5.04 -2.19 -18.78
CA SER B 264 5.94 -3.26 -18.29
C SER B 264 6.74 -2.75 -17.09
N SER B 265 6.97 -1.44 -17.01
CA SER B 265 7.79 -0.79 -15.95
C SER B 265 6.98 -0.59 -14.67
N LEU B 266 5.66 -0.62 -14.76
CA LEU B 266 4.78 -0.24 -13.63
C LEU B 266 4.64 -1.40 -12.63
N ASP B 267 4.26 -1.03 -11.42
CA ASP B 267 3.89 -1.98 -10.34
C ASP B 267 2.71 -1.34 -9.58
N TYR B 268 2.22 -2.01 -8.55
CA TYR B 268 1.00 -1.60 -7.82
C TYR B 268 1.17 -0.17 -7.27
N PHE B 269 2.41 0.19 -6.91
CA PHE B 269 2.70 1.45 -6.19
C PHE B 269 3.07 2.58 -7.16
N THR B 270 2.99 2.37 -8.47
CA THR B 270 3.47 3.39 -9.43
C THR B 270 2.27 3.91 -10.25
N LYS B 271 1.99 5.20 -10.16
CA LYS B 271 0.92 5.80 -10.99
C LYS B 271 1.36 5.72 -12.44
N PRO B 272 0.46 5.25 -13.33
CA PRO B 272 0.76 5.29 -14.74
C PRO B 272 0.98 6.72 -15.25
N ASP B 273 1.80 6.84 -16.27
CA ASP B 273 1.94 8.10 -17.03
C ASP B 273 0.84 8.14 -18.09
N TYR B 274 -0.37 8.46 -17.69
CA TYR B 274 -1.54 8.47 -18.61
C TYR B 274 -1.24 9.41 -19.78
N GLN B 275 -0.56 10.54 -19.58
CA GLN B 275 -0.32 11.50 -20.68
C GLN B 275 0.56 10.81 -21.72
N LEU B 276 1.58 10.08 -21.30
CA LEU B 276 2.45 9.34 -22.24
C LEU B 276 1.61 8.33 -23.01
N LEU B 277 0.79 7.54 -22.33
CA LEU B 277 -0.02 6.52 -23.05
C LEU B 277 -1.00 7.20 -24.00
N THR B 278 -1.58 8.32 -23.62
CA THR B 278 -2.51 9.07 -24.48
C THR B 278 -1.73 9.50 -25.72
N SER B 279 -0.49 9.99 -25.56
CA SER B 279 0.32 10.48 -26.70
C SER B 279 0.59 9.35 -27.70
N VAL B 280 0.68 8.11 -27.24
CA VAL B 280 0.87 6.97 -28.17
C VAL B 280 -0.33 6.90 -29.13
N PHE B 281 -1.52 7.04 -28.61
CA PHE B 281 -2.76 7.04 -29.41
C PHE B 281 -2.84 8.29 -30.28
N ASP B 282 -2.59 9.46 -29.71
CA ASP B 282 -2.72 10.71 -30.49
C ASP B 282 -1.72 10.69 -31.65
N ASN B 283 -0.49 10.34 -31.38
CA ASN B 283 0.58 10.35 -32.42
C ASN B 283 0.25 9.31 -33.50
N SER B 284 -0.20 8.10 -33.10
CA SER B 284 -0.53 7.00 -34.04
C SER B 284 -1.68 7.47 -34.95
N ILE B 285 -2.70 8.07 -34.36
CA ILE B 285 -3.88 8.57 -35.08
C ILE B 285 -3.43 9.61 -36.11
N LYS B 286 -2.55 10.54 -35.75
CA LYS B 286 -2.05 11.55 -36.71
C LYS B 286 -1.25 10.85 -37.82
N THR B 287 -0.33 9.98 -37.49
CA THR B 287 0.56 9.28 -38.46
C THR B 287 -0.26 8.50 -39.48
N PHE B 288 -1.35 7.89 -39.06
CA PHE B 288 -2.20 6.99 -39.88
C PHE B 288 -3.30 7.83 -40.54
N GLY B 289 -3.30 9.15 -40.31
CA GLY B 289 -4.25 10.10 -40.94
C GLY B 289 -5.70 9.82 -40.55
N VAL B 290 -5.93 9.32 -39.35
CA VAL B 290 -7.27 8.94 -38.84
C VAL B 290 -7.97 10.21 -38.33
N ILE B 291 -9.21 10.43 -38.78
CA ILE B 291 -10.11 11.56 -38.43
C ILE B 291 -11.28 10.99 -37.63
N GLU B 292 -11.77 11.68 -36.58
CA GLU B 292 -12.90 11.17 -35.72
C GLU B 292 -14.11 10.78 -36.57
N SER B 293 -14.43 11.55 -37.62
CA SER B 293 -15.63 11.36 -38.47
C SER B 293 -15.48 10.21 -39.46
N ASP B 294 -14.29 9.61 -39.58
CA ASP B 294 -14.06 8.49 -40.53
C ASP B 294 -15.03 7.39 -40.12
N PRO B 295 -15.63 6.65 -41.07
CA PRO B 295 -16.49 5.55 -40.66
C PRO B 295 -15.74 4.56 -39.73
N PHE B 296 -16.40 4.12 -38.69
CA PHE B 296 -16.00 2.90 -37.95
C PHE B 296 -16.29 1.68 -38.85
N ASP B 297 -15.68 0.57 -38.53
CA ASP B 297 -15.76 -0.64 -39.39
C ASP B 297 -17.22 -1.11 -39.57
N TRP B 298 -18.05 -0.97 -38.56
CA TRP B 298 -19.45 -1.45 -38.59
C TRP B 298 -20.35 -0.50 -39.39
N GLU B 299 -19.87 0.68 -39.80
CA GLU B 299 -20.60 1.68 -40.63
C GLU B 299 -20.31 1.42 -42.11
N LYS B 300 -19.32 0.56 -42.37
CA LYS B 300 -18.85 0.09 -43.70
C LYS B 300 -19.53 -1.24 -43.99
P PO4 C . 25.24 -9.85 14.78
O1 PO4 C . 25.19 -8.79 13.66
O2 PO4 C . 23.94 -10.70 14.68
O3 PO4 C . 26.44 -10.77 14.58
O4 PO4 C . 25.32 -9.18 16.13
P PO4 D . 25.09 0.09 1.66
O1 PO4 D . 25.13 -0.10 0.14
O2 PO4 D . 24.73 -1.24 2.36
O3 PO4 D . 26.46 0.53 2.16
O4 PO4 D . 24.03 1.14 1.99
N1 9IV E . 9.48 0.18 29.75
N1 9IV E . 9.46 0.18 29.77
C2 9IV E . 4.74 -2.91 22.13
C2 9IV E . 4.66 -2.70 22.22
N3 9IV E . 13.15 1.28 31.13
N3 9IV E . 13.14 1.28 31.10
C4 9IV E . 4.78 -2.14 24.39
C4 9IV E . 5.99 -4.20 23.52
C5 9IV E . 5.55 -3.24 24.75
C5 9IV E . 5.70 -3.46 24.66
C6 9IV E . 7.04 -2.87 26.58
C6 9IV E . 7.15 -3.06 26.50
CL 9IV E . 6.91 -5.53 24.22
CL 9IV E . 4.50 -1.44 26.00
C 9IV E . 5.93 -4.15 23.78
C 9IV E . 4.89 -2.34 24.57
C3 9IV E . 4.39 -1.98 23.07
C3 9IV E . 5.46 -3.80 22.30
C1 9IV E . 5.52 -4.00 22.46
C1 9IV E . 4.38 -1.94 23.34
O 9IV E . 5.89 -3.46 26.07
O 9IV E . 6.16 -3.84 25.92
C17 9IV E . 8.03 -2.36 25.75
C17 9IV E . 8.10 -2.46 25.70
C16 9IV E . 9.19 -1.84 26.30
C16 9IV E . 9.18 -1.82 26.26
C9 9IV E . 9.36 -1.80 27.67
C9 9IV E . 9.33 -1.76 27.64
C8 9IV E . 8.36 -2.30 28.50
C8 9IV E . 8.34 -2.32 28.45
C7 9IV E . 7.21 -2.85 27.96
C7 9IV E . 7.26 -2.98 27.88
N 9IV E . 10.52 -1.24 28.23
N 9IV E . 10.48 -1.20 28.20
C10 9IV E . 10.62 -0.32 29.22
C10 9IV E . 10.59 -0.32 29.22
C15 9IV E . 11.90 0.06 29.72
C15 9IV E . 11.88 0.06 29.71
C14 9IV E . 13.27 -0.14 29.39
C14 9IV E . 13.25 -0.15 29.38
C13 9IV E . 13.99 0.62 30.26
C13 9IV E . 13.97 0.61 30.25
C12 9IV E . 11.86 0.97 30.78
C12 9IV E . 11.85 0.97 30.77
N2 9IV E . 10.74 1.47 31.35
N2 9IV E . 10.74 1.48 31.34
C11 9IV E . 9.62 1.04 30.77
C11 9IV E . 9.61 1.04 30.77
P PO4 F . -12.07 -8.47 -3.66
O1 PO4 F . -10.68 -8.72 -4.36
O2 PO4 F . -13.22 -8.95 -4.54
O3 PO4 F . -12.25 -6.95 -3.41
O4 PO4 F . -12.11 -9.20 -2.31
P PO4 G . 3.05 -5.78 -9.09
O1 PO4 G . 2.93 -5.28 -10.52
O2 PO4 G . 1.94 -6.80 -8.80
O3 PO4 G . 4.43 -6.43 -8.91
O4 PO4 G . 2.92 -4.62 -8.10
N1 9IV H . -25.84 -3.19 -22.66
C2 9IV H . -20.44 -11.46 -23.99
N3 9IV H . -26.12 -0.02 -20.12
C4 9IV H . -21.93 -9.90 -25.04
C5 9IV H . -22.66 -9.81 -23.86
C6 9IV H . -24.08 -7.88 -23.19
CL 9IV H . -23.13 -10.40 -21.25
C 9IV H . -22.26 -10.53 -22.74
C3 9IV H . -20.82 -10.72 -25.09
C1 9IV H . -21.15 -11.36 -22.81
O 9IV H . -23.88 -9.12 -23.85
C17 9IV H . -25.36 -7.34 -23.18
C16 9IV H . -25.61 -6.20 -22.44
C9 9IV H . -24.58 -5.58 -21.72
C8 9IV H . -23.29 -6.10 -21.80
C7 9IV H . -23.04 -7.26 -22.52
N 9IV H . -24.79 -4.40 -20.98
C10 9IV H . -25.39 -3.25 -21.38
C15 9IV H . -25.49 -2.14 -20.49
C14 9IV H . -25.11 -1.79 -19.16
C13 9IV H . -25.53 -0.50 -18.97
C12 9IV H . -26.09 -1.00 -21.06
N2 9IV H . -26.55 -0.91 -22.31
C11 9IV H . -26.39 -2.03 -23.02
#